data_2F2J
#
_entry.id   2F2J
#
_entity_poly.entity_id   1
_entity_poly.type   'polypeptide(L)'
_entity_poly.pdbx_seq_one_letter_code
;CGETCVGGTCNTPGCTCSKNKCTRNGLPV
;
_entity_poly.pdbx_strand_id   A
#
# COMPACT_ATOMS: atom_id res chain seq x y z
N CYS A 1 -1.43 -3.13 5.38
CA CYS A 1 -1.65 -1.68 5.45
C CYS A 1 -3.13 -1.35 5.33
N GLY A 2 -3.80 -2.07 4.45
CA GLY A 2 -5.23 -1.87 4.24
C GLY A 2 -5.56 -0.72 3.30
N GLU A 3 -4.83 0.38 3.43
CA GLU A 3 -5.06 1.57 2.62
C GLU A 3 -4.89 1.29 1.13
N THR A 4 -5.42 2.19 0.33
CA THR A 4 -5.37 2.09 -1.10
C THR A 4 -4.47 3.17 -1.68
N CYS A 5 -3.87 2.90 -2.84
CA CYS A 5 -3.02 3.89 -3.48
C CYS A 5 -3.81 4.65 -4.54
N VAL A 6 -3.98 5.95 -4.30
CA VAL A 6 -4.71 6.82 -5.21
C VAL A 6 -3.78 7.37 -6.28
N GLY A 7 -3.13 6.46 -6.97
CA GLY A 7 -2.19 6.83 -8.00
C GLY A 7 -0.79 6.42 -7.65
N GLY A 8 -0.66 5.20 -7.14
CA GLY A 8 0.64 4.68 -6.76
C GLY A 8 1.22 5.37 -5.55
N THR A 9 0.35 5.85 -4.67
CA THR A 9 0.78 6.51 -3.46
C THR A 9 0.09 5.92 -2.25
N CYS A 10 0.82 5.76 -1.18
CA CYS A 10 0.26 5.18 0.03
C CYS A 10 0.69 5.97 1.25
N ASN A 11 -0.29 6.27 2.11
CA ASN A 11 -0.05 7.05 3.32
C ASN A 11 0.67 6.23 4.37
N THR A 12 0.36 4.94 4.43
CA THR A 12 0.96 4.04 5.39
C THR A 12 2.47 3.96 5.17
N PRO A 13 3.24 4.30 6.21
CA PRO A 13 4.70 4.31 6.12
C PRO A 13 5.30 2.97 5.70
N GLY A 14 6.11 3.03 4.66
CA GLY A 14 6.76 1.85 4.13
C GLY A 14 5.84 0.94 3.36
N CYS A 15 4.62 1.37 3.08
CA CYS A 15 3.71 0.53 2.32
C CYS A 15 3.78 0.84 0.83
N THR A 16 4.19 -0.15 0.06
CA THR A 16 4.28 -0.02 -1.38
C THR A 16 2.92 -0.22 -2.00
N CYS A 17 2.59 0.59 -3.01
CA CYS A 17 1.31 0.48 -3.66
C CYS A 17 1.20 -0.86 -4.40
N SER A 18 0.06 -1.51 -4.27
CA SER A 18 -0.18 -2.80 -4.91
C SER A 18 -1.62 -2.83 -5.42
N LYS A 19 -2.07 -4.00 -5.87
CA LYS A 19 -3.43 -4.20 -6.41
C LYS A 19 -4.53 -3.58 -5.53
N ASN A 20 -4.74 -2.27 -5.71
CA ASN A 20 -5.76 -1.51 -4.97
C ASN A 20 -5.50 -1.57 -3.47
N LYS A 21 -4.27 -1.93 -3.08
CA LYS A 21 -3.92 -2.05 -1.66
C LYS A 21 -2.46 -1.76 -1.41
N CYS A 22 -2.17 -1.15 -0.28
CA CYS A 22 -0.79 -0.86 0.10
C CYS A 22 -0.23 -2.05 0.84
N THR A 23 0.98 -2.47 0.51
CA THR A 23 1.58 -3.63 1.13
C THR A 23 2.89 -3.31 1.83
N ARG A 24 3.11 -3.93 2.97
CA ARG A 24 4.32 -3.77 3.73
C ARG A 24 5.29 -4.86 3.28
N ASN A 25 6.15 -4.52 2.33
CA ASN A 25 7.10 -5.49 1.77
C ASN A 25 6.35 -6.68 1.18
N GLY A 26 5.19 -6.42 0.60
CA GLY A 26 4.41 -7.48 0.01
C GLY A 26 3.21 -7.88 0.87
N LEU A 27 3.29 -7.63 2.16
CA LEU A 27 2.19 -7.99 3.07
C LEU A 27 1.07 -6.96 3.03
N PRO A 28 -0.13 -7.35 2.54
CA PRO A 28 -1.30 -6.46 2.45
C PRO A 28 -1.95 -6.24 3.81
N VAL A 29 -1.18 -5.70 4.73
CA VAL A 29 -1.66 -5.44 6.08
C VAL A 29 -1.96 -3.95 6.27
N CYS A 1 -1.33 -3.17 5.71
CA CYS A 1 -1.47 -1.73 5.84
C CYS A 1 -2.94 -1.32 5.87
N GLY A 2 -3.73 -1.98 5.03
CA GLY A 2 -5.15 -1.71 4.96
C GLY A 2 -5.47 -0.35 4.37
N GLU A 3 -4.72 0.02 3.34
CA GLU A 3 -4.92 1.30 2.66
C GLU A 3 -4.81 1.11 1.16
N THR A 4 -5.36 2.05 0.43
CA THR A 4 -5.35 2.03 -1.01
C THR A 4 -4.52 3.17 -1.58
N CYS A 5 -3.94 2.95 -2.75
CA CYS A 5 -3.14 3.98 -3.39
C CYS A 5 -3.98 4.75 -4.40
N VAL A 6 -3.88 6.08 -4.32
CA VAL A 6 -4.62 6.99 -5.19
C VAL A 6 -3.92 7.07 -6.55
N GLY A 7 -3.70 5.90 -7.12
CA GLY A 7 -3.03 5.82 -8.40
C GLY A 7 -1.65 5.21 -8.24
N GLY A 8 -0.94 5.66 -7.21
CA GLY A 8 0.39 5.15 -6.95
C GLY A 8 1.00 5.77 -5.72
N THR A 9 0.18 6.06 -4.72
CA THR A 9 0.68 6.65 -3.49
C THR A 9 0.03 5.98 -2.29
N CYS A 10 0.82 5.74 -1.28
CA CYS A 10 0.34 5.10 -0.07
C CYS A 10 0.72 5.92 1.14
N ASN A 11 -0.24 6.12 2.04
CA ASN A 11 -0.05 6.95 3.23
C ASN A 11 0.94 6.37 4.20
N THR A 12 0.76 5.11 4.55
CA THR A 12 1.64 4.46 5.50
C THR A 12 3.03 4.24 4.91
N PRO A 13 4.04 4.91 5.50
CA PRO A 13 5.42 4.80 5.03
C PRO A 13 5.91 3.36 5.14
N GLY A 14 6.38 2.84 4.02
CA GLY A 14 6.84 1.47 3.98
C GLY A 14 5.91 0.59 3.19
N CYS A 15 4.67 1.04 3.01
CA CYS A 15 3.70 0.27 2.24
C CYS A 15 3.78 0.63 0.77
N THR A 16 4.17 -0.34 -0.03
CA THR A 16 4.27 -0.16 -1.46
C THR A 16 2.91 -0.37 -2.11
N CYS A 17 2.55 0.54 -3.01
CA CYS A 17 1.27 0.43 -3.68
C CYS A 17 1.21 -0.84 -4.53
N SER A 18 0.22 -1.66 -4.26
CA SER A 18 0.03 -2.90 -4.99
C SER A 18 -1.34 -2.87 -5.64
N LYS A 19 -1.79 -4.02 -6.16
CA LYS A 19 -3.10 -4.13 -6.84
C LYS A 19 -4.25 -3.50 -6.04
N ASN A 20 -4.41 -2.17 -6.20
CA ASN A 20 -5.45 -1.40 -5.52
C ASN A 20 -5.30 -1.49 -3.99
N LYS A 21 -4.15 -1.94 -3.51
CA LYS A 21 -3.91 -2.07 -2.08
C LYS A 21 -2.45 -1.84 -1.72
N CYS A 22 -2.19 -1.13 -0.64
CA CYS A 22 -0.83 -0.88 -0.20
C CYS A 22 -0.37 -2.01 0.72
N THR A 23 0.75 -2.62 0.37
CA THR A 23 1.29 -3.73 1.13
C THR A 23 2.64 -3.38 1.73
N ARG A 24 2.89 -3.84 2.94
CA ARG A 24 4.15 -3.58 3.60
C ARG A 24 5.09 -4.73 3.27
N ASN A 25 5.99 -4.49 2.32
CA ASN A 25 6.93 -5.51 1.87
C ASN A 25 6.16 -6.72 1.33
N GLY A 26 5.09 -6.43 0.59
CA GLY A 26 4.27 -7.49 0.03
C GLY A 26 3.16 -7.96 0.96
N LEU A 27 3.21 -7.57 2.22
CA LEU A 27 2.18 -7.98 3.18
C LEU A 27 1.05 -6.97 3.24
N PRO A 28 -0.16 -7.36 2.79
CA PRO A 28 -1.34 -6.47 2.77
C PRO A 28 -1.93 -6.24 4.16
N VAL A 29 -1.11 -5.74 5.06
CA VAL A 29 -1.54 -5.48 6.42
C VAL A 29 -1.75 -3.98 6.67
N CYS A 1 -1.62 -3.22 5.43
CA CYS A 1 -1.83 -1.80 5.49
C CYS A 1 -3.30 -1.44 5.31
N GLY A 2 -3.97 -2.17 4.43
CA GLY A 2 -5.37 -1.95 4.18
C GLY A 2 -5.65 -0.79 3.23
N GLU A 3 -4.84 0.26 3.33
CA GLU A 3 -4.99 1.45 2.49
C GLU A 3 -4.90 1.16 1.00
N THR A 4 -5.16 2.19 0.21
CA THR A 4 -5.09 2.09 -1.23
C THR A 4 -4.11 3.13 -1.75
N CYS A 5 -3.94 3.20 -3.05
CA CYS A 5 -3.04 4.17 -3.65
C CYS A 5 -3.72 4.96 -4.74
N VAL A 6 -3.50 6.27 -4.71
CA VAL A 6 -4.07 7.19 -5.69
C VAL A 6 -3.26 7.15 -6.98
N GLY A 7 -3.11 5.94 -7.49
CA GLY A 7 -2.34 5.72 -8.69
C GLY A 7 -1.05 4.99 -8.38
N GLY A 8 -0.39 5.42 -7.32
CA GLY A 8 0.85 4.79 -6.91
C GLY A 8 1.43 5.43 -5.67
N THR A 9 0.56 5.86 -4.76
CA THR A 9 1.01 6.47 -3.53
C THR A 9 0.22 5.94 -2.34
N CYS A 10 0.92 5.72 -1.25
CA CYS A 10 0.29 5.20 -0.04
C CYS A 10 0.72 6.06 1.16
N ASN A 11 -0.23 6.38 2.02
CA ASN A 11 0.03 7.23 3.18
C ASN A 11 0.87 6.53 4.22
N THR A 12 0.45 5.34 4.61
CA THR A 12 1.15 4.57 5.62
C THR A 12 2.61 4.28 5.23
N PRO A 13 3.56 4.79 6.02
CA PRO A 13 4.98 4.61 5.76
C PRO A 13 5.38 3.13 5.70
N GLY A 14 6.12 2.78 4.66
CA GLY A 14 6.55 1.41 4.48
C GLY A 14 5.61 0.63 3.58
N CYS A 15 4.41 1.16 3.38
CA CYS A 15 3.44 0.48 2.54
C CYS A 15 3.59 0.90 1.08
N THR A 16 3.92 -0.07 0.24
CA THR A 16 4.08 0.15 -1.18
C THR A 16 2.74 -0.09 -1.87
N CYS A 17 2.43 0.70 -2.88
CA CYS A 17 1.19 0.55 -3.61
C CYS A 17 1.12 -0.82 -4.31
N SER A 18 -0.01 -1.49 -4.18
CA SER A 18 -0.21 -2.79 -4.80
C SER A 18 -1.65 -2.87 -5.29
N LYS A 19 -2.07 -4.06 -5.73
CA LYS A 19 -3.44 -4.30 -6.26
C LYS A 19 -4.54 -3.68 -5.38
N ASN A 20 -4.79 -2.40 -5.58
CA ASN A 20 -5.80 -1.63 -4.85
C ASN A 20 -5.55 -1.68 -3.34
N LYS A 21 -4.32 -2.02 -2.95
CA LYS A 21 -3.96 -2.12 -1.54
C LYS A 21 -2.50 -1.80 -1.31
N CYS A 22 -2.20 -1.19 -0.18
CA CYS A 22 -0.82 -0.88 0.17
C CYS A 22 -0.25 -2.07 0.94
N THR A 23 0.94 -2.50 0.58
CA THR A 23 1.54 -3.66 1.22
C THR A 23 2.92 -3.33 1.77
N ARG A 24 3.24 -3.92 2.92
CA ARG A 24 4.55 -3.73 3.52
C ARG A 24 5.48 -4.79 2.96
N ASN A 25 6.19 -4.44 1.91
CA ASN A 25 7.11 -5.35 1.23
C ASN A 25 6.35 -6.61 0.80
N GLY A 26 5.10 -6.41 0.37
CA GLY A 26 4.29 -7.53 -0.07
C GLY A 26 3.18 -7.88 0.90
N LEU A 27 3.35 -7.58 2.18
CA LEU A 27 2.34 -7.89 3.20
C LEU A 27 1.17 -6.90 3.13
N PRO A 28 -0.01 -7.36 2.69
CA PRO A 28 -1.22 -6.54 2.58
C PRO A 28 -1.91 -6.31 3.93
N VAL A 29 -1.17 -5.78 4.86
CA VAL A 29 -1.69 -5.52 6.20
C VAL A 29 -2.00 -4.03 6.39
N CYS A 1 -1.47 -3.22 5.52
CA CYS A 1 -1.67 -1.78 5.58
C CYS A 1 -3.15 -1.43 5.41
N GLY A 2 -3.80 -2.14 4.52
CA GLY A 2 -5.22 -1.92 4.28
C GLY A 2 -5.49 -0.74 3.36
N GLU A 3 -4.69 0.31 3.49
CA GLU A 3 -4.85 1.52 2.68
C GLU A 3 -4.81 1.24 1.19
N THR A 4 -5.33 2.18 0.42
CA THR A 4 -5.36 2.09 -1.00
C THR A 4 -4.46 3.17 -1.60
N CYS A 5 -3.92 2.92 -2.77
CA CYS A 5 -3.07 3.91 -3.41
C CYS A 5 -3.84 4.71 -4.44
N VAL A 6 -4.00 6.00 -4.15
CA VAL A 6 -4.73 6.92 -5.01
C VAL A 6 -3.82 7.43 -6.12
N GLY A 7 -3.26 6.50 -6.85
CA GLY A 7 -2.35 6.84 -7.94
C GLY A 7 -0.95 6.40 -7.63
N GLY A 8 -0.83 5.19 -7.11
CA GLY A 8 0.48 4.65 -6.77
C GLY A 8 1.10 5.34 -5.58
N THR A 9 0.26 5.82 -4.67
CA THR A 9 0.75 6.49 -3.48
C THR A 9 0.10 5.89 -2.24
N CYS A 10 0.89 5.71 -1.21
CA CYS A 10 0.40 5.14 0.02
C CYS A 10 0.92 5.94 1.22
N ASN A 11 0.07 6.12 2.22
CA ASN A 11 0.42 6.92 3.40
C ASN A 11 1.39 6.20 4.31
N THR A 12 1.02 5.01 4.74
CA THR A 12 1.84 4.22 5.64
C THR A 12 3.22 3.92 5.02
N PRO A 13 4.28 4.41 5.68
CA PRO A 13 5.66 4.21 5.21
C PRO A 13 6.00 2.73 5.13
N GLY A 14 6.54 2.31 4.01
CA GLY A 14 6.88 0.93 3.83
C GLY A 14 5.83 0.18 3.04
N CYS A 15 4.64 0.76 2.94
CA CYS A 15 3.56 0.12 2.20
C CYS A 15 3.60 0.52 0.74
N THR A 16 4.15 -0.36 -0.08
CA THR A 16 4.24 -0.14 -1.50
C THR A 16 2.88 -0.33 -2.14
N CYS A 17 2.52 0.54 -3.07
CA CYS A 17 1.24 0.44 -3.74
C CYS A 17 1.14 -0.87 -4.52
N SER A 18 0.07 -1.61 -4.27
CA SER A 18 -0.18 -2.87 -4.96
C SER A 18 -1.58 -2.82 -5.55
N LYS A 19 -2.10 -3.97 -5.99
CA LYS A 19 -3.44 -4.06 -6.60
C LYS A 19 -4.53 -3.36 -5.77
N ASN A 20 -4.61 -2.04 -5.94
CA ASN A 20 -5.57 -1.19 -5.24
C ASN A 20 -5.39 -1.29 -3.72
N LYS A 21 -4.21 -1.73 -3.29
CA LYS A 21 -3.93 -1.89 -1.87
C LYS A 21 -2.46 -1.69 -1.55
N CYS A 22 -2.19 -1.09 -0.41
CA CYS A 22 -0.81 -0.85 0.01
C CYS A 22 -0.32 -2.05 0.81
N THR A 23 0.86 -2.55 0.47
CA THR A 23 1.43 -3.70 1.15
C THR A 23 2.76 -3.34 1.79
N ARG A 24 2.99 -3.79 3.00
CA ARG A 24 4.23 -3.51 3.68
C ARG A 24 5.22 -4.59 3.31
N ASN A 25 6.06 -4.29 2.33
CA ASN A 25 7.05 -5.24 1.83
C ASN A 25 6.35 -6.49 1.31
N GLY A 26 5.22 -6.29 0.67
CA GLY A 26 4.47 -7.41 0.13
C GLY A 26 3.35 -7.88 1.05
N LEU A 27 3.39 -7.47 2.32
CA LEU A 27 2.37 -7.88 3.27
C LEU A 27 1.18 -6.93 3.24
N PRO A 28 0.01 -7.41 2.76
CA PRO A 28 -1.21 -6.60 2.64
C PRO A 28 -1.90 -6.37 3.98
N VAL A 29 -1.17 -5.80 4.91
CA VAL A 29 -1.71 -5.52 6.24
C VAL A 29 -2.00 -4.03 6.42
N CYS A 1 -1.56 -3.32 5.33
CA CYS A 1 -1.74 -1.88 5.47
C CYS A 1 -3.21 -1.51 5.31
N GLY A 2 -3.88 -2.18 4.39
CA GLY A 2 -5.29 -1.94 4.16
C GLY A 2 -5.58 -0.74 3.28
N GLU A 3 -4.76 0.29 3.40
CA GLU A 3 -4.91 1.53 2.63
C GLU A 3 -4.85 1.28 1.13
N THR A 4 -5.13 2.32 0.36
CA THR A 4 -5.10 2.26 -1.08
C THR A 4 -4.11 3.30 -1.62
N CYS A 5 -3.97 3.35 -2.93
CA CYS A 5 -3.06 4.31 -3.55
C CYS A 5 -3.79 5.16 -4.58
N VAL A 6 -3.81 6.46 -4.33
CA VAL A 6 -4.46 7.43 -5.21
C VAL A 6 -3.47 7.91 -6.27
N GLY A 7 -2.91 6.95 -6.97
CA GLY A 7 -1.94 7.27 -8.00
C GLY A 7 -0.58 6.67 -7.69
N GLY A 8 -0.60 5.44 -7.21
CA GLY A 8 0.64 4.75 -6.87
C GLY A 8 1.31 5.34 -5.64
N THR A 9 0.51 5.88 -4.73
CA THR A 9 1.05 6.45 -3.51
C THR A 9 0.29 5.93 -2.31
N CYS A 10 1.00 5.64 -1.25
CA CYS A 10 0.39 5.11 -0.05
C CYS A 10 0.82 5.92 1.17
N ASN A 11 -0.13 6.13 2.08
CA ASN A 11 0.11 6.93 3.28
C ASN A 11 1.10 6.27 4.25
N THR A 12 0.79 5.05 4.66
CA THR A 12 1.65 4.33 5.59
C THR A 12 3.04 4.07 5.01
N PRO A 13 4.09 4.62 5.65
CA PRO A 13 5.46 4.44 5.20
C PRO A 13 5.86 2.98 5.17
N GLY A 14 6.41 2.55 4.06
CA GLY A 14 6.80 1.16 3.92
C GLY A 14 5.78 0.36 3.13
N CYS A 15 4.57 0.90 3.02
CA CYS A 15 3.53 0.23 2.27
C CYS A 15 3.56 0.64 0.81
N THR A 16 4.05 -0.26 -0.04
CA THR A 16 4.12 -0.02 -1.47
C THR A 16 2.74 -0.23 -2.08
N CYS A 17 2.38 0.62 -3.03
CA CYS A 17 1.09 0.51 -3.69
C CYS A 17 0.99 -0.81 -4.45
N SER A 18 -0.12 -1.51 -4.28
CA SER A 18 -0.35 -2.77 -4.94
C SER A 18 -1.79 -2.82 -5.42
N LYS A 19 -2.26 -4.01 -5.83
CA LYS A 19 -3.62 -4.23 -6.33
C LYS A 19 -4.71 -3.60 -5.45
N ASN A 20 -4.92 -2.29 -5.65
CA ASN A 20 -5.92 -1.52 -4.90
C ASN A 20 -5.65 -1.58 -3.40
N LYS A 21 -4.42 -1.96 -3.03
CA LYS A 21 -4.05 -2.09 -1.63
C LYS A 21 -2.57 -1.83 -1.42
N CYS A 22 -2.24 -1.21 -0.29
CA CYS A 22 -0.85 -0.94 0.04
C CYS A 22 -0.28 -2.14 0.80
N THR A 23 0.88 -2.61 0.38
CA THR A 23 1.50 -3.75 1.02
C THR A 23 2.81 -3.34 1.67
N ARG A 24 3.01 -3.75 2.90
CA ARG A 24 4.24 -3.45 3.62
C ARG A 24 5.21 -4.59 3.43
N ASN A 25 6.22 -4.37 2.60
CA ASN A 25 7.21 -5.39 2.28
C ASN A 25 6.50 -6.60 1.68
N GLY A 26 5.53 -6.31 0.82
CA GLY A 26 4.76 -7.37 0.17
C GLY A 26 3.59 -7.87 0.99
N LEU A 27 3.50 -7.48 2.25
CA LEU A 27 2.41 -7.93 3.11
C LEU A 27 1.24 -6.95 3.06
N PRO A 28 0.10 -7.38 2.51
CA PRO A 28 -1.10 -6.54 2.38
C PRO A 28 -1.86 -6.35 3.70
N VAL A 29 -1.15 -5.86 4.69
CA VAL A 29 -1.73 -5.64 6.00
C VAL A 29 -2.00 -4.16 6.25
N CYS A 1 -1.41 -3.15 5.53
CA CYS A 1 -1.61 -1.71 5.58
C CYS A 1 -3.08 -1.35 5.43
N GLY A 2 -3.77 -2.07 4.56
CA GLY A 2 -5.19 -1.85 4.34
C GLY A 2 -5.49 -0.68 3.42
N GLU A 3 -4.72 0.39 3.54
CA GLU A 3 -4.91 1.59 2.72
C GLU A 3 -4.80 1.28 1.24
N THR A 4 -5.43 2.12 0.44
CA THR A 4 -5.42 1.99 -0.99
C THR A 4 -4.51 3.05 -1.60
N CYS A 5 -3.94 2.77 -2.76
CA CYS A 5 -3.08 3.73 -3.42
C CYS A 5 -3.82 4.46 -4.52
N VAL A 6 -3.69 5.78 -4.53
CA VAL A 6 -4.33 6.63 -5.51
C VAL A 6 -3.56 6.58 -6.84
N GLY A 7 -3.37 5.38 -7.32
CA GLY A 7 -2.64 5.16 -8.53
C GLY A 7 -1.26 4.62 -8.25
N GLY A 8 -0.63 5.18 -7.23
CA GLY A 8 0.69 4.74 -6.84
C GLY A 8 1.21 5.48 -5.64
N THR A 9 0.33 5.80 -4.70
CA THR A 9 0.71 6.50 -3.49
C THR A 9 0.05 5.88 -2.28
N CYS A 10 0.81 5.75 -1.22
CA CYS A 10 0.32 5.17 0.01
C CYS A 10 0.75 6.01 1.21
N ASN A 11 -0.18 6.27 2.11
CA ASN A 11 0.07 7.11 3.29
C ASN A 11 1.04 6.46 4.27
N THR A 12 0.72 5.26 4.70
CA THR A 12 1.55 4.55 5.67
C THR A 12 2.96 4.29 5.12
N PRO A 13 3.99 4.89 5.75
CA PRO A 13 5.37 4.72 5.32
C PRO A 13 5.79 3.27 5.33
N GLY A 14 6.38 2.84 4.22
CA GLY A 14 6.81 1.46 4.10
C GLY A 14 5.84 0.64 3.29
N CYS A 15 4.62 1.12 3.12
CA CYS A 15 3.63 0.39 2.36
C CYS A 15 3.70 0.76 0.89
N THR A 16 4.17 -0.18 0.09
CA THR A 16 4.28 0.00 -1.35
C THR A 16 2.92 -0.22 -1.99
N CYS A 17 2.59 0.62 -2.96
CA CYS A 17 1.31 0.49 -3.64
C CYS A 17 1.22 -0.84 -4.38
N SER A 18 0.09 -1.51 -4.26
CA SER A 18 -0.14 -2.77 -4.92
C SER A 18 -1.55 -2.75 -5.51
N LYS A 19 -1.95 -3.81 -6.20
CA LYS A 19 -3.27 -3.86 -6.84
C LYS A 19 -4.40 -3.48 -5.89
N ASN A 20 -4.78 -2.20 -5.94
CA ASN A 20 -5.87 -1.62 -5.13
C ASN A 20 -5.57 -1.58 -3.63
N LYS A 21 -4.35 -1.92 -3.23
CA LYS A 21 -4.02 -1.89 -1.79
C LYS A 21 -2.54 -1.70 -1.53
N CYS A 22 -2.21 -1.10 -0.40
CA CYS A 22 -0.83 -0.87 -0.01
C CYS A 22 -0.31 -2.07 0.77
N THR A 23 0.91 -2.50 0.48
CA THR A 23 1.50 -3.64 1.15
C THR A 23 2.85 -3.30 1.76
N ARG A 24 3.12 -3.84 2.94
CA ARG A 24 4.38 -3.63 3.60
C ARG A 24 5.31 -4.78 3.22
N ASN A 25 6.15 -4.54 2.24
CA ASN A 25 7.07 -5.56 1.73
C ASN A 25 6.26 -6.75 1.24
N GLY A 26 5.17 -6.46 0.54
CA GLY A 26 4.31 -7.51 0.02
C GLY A 26 3.17 -7.88 0.96
N LEU A 27 3.31 -7.56 2.25
CA LEU A 27 2.27 -7.90 3.22
C LEU A 27 1.11 -6.91 3.16
N PRO A 28 -0.08 -7.37 2.73
CA PRO A 28 -1.27 -6.53 2.63
C PRO A 28 -1.93 -6.28 3.99
N VAL A 29 -1.16 -5.73 4.90
CA VAL A 29 -1.64 -5.45 6.25
C VAL A 29 -1.94 -3.96 6.43
N CYS A 1 -1.46 -3.30 5.40
CA CYS A 1 -1.65 -1.88 5.54
C CYS A 1 -3.11 -1.49 5.38
N GLY A 2 -3.79 -2.16 4.46
CA GLY A 2 -5.19 -1.89 4.21
C GLY A 2 -5.42 -0.67 3.35
N GLU A 3 -4.56 0.32 3.50
CA GLU A 3 -4.64 1.58 2.75
C GLU A 3 -4.68 1.33 1.25
N THR A 4 -5.25 2.27 0.52
CA THR A 4 -5.34 2.20 -0.91
C THR A 4 -4.44 3.26 -1.53
N CYS A 5 -3.92 2.97 -2.71
CA CYS A 5 -3.07 3.93 -3.39
C CYS A 5 -3.87 4.71 -4.43
N VAL A 6 -3.96 6.02 -4.20
CA VAL A 6 -4.70 6.91 -5.08
C VAL A 6 -3.78 7.39 -6.21
N GLY A 7 -3.23 6.44 -6.91
CA GLY A 7 -2.34 6.74 -8.01
C GLY A 7 -0.93 6.30 -7.71
N GLY A 8 -0.81 5.10 -7.16
CA GLY A 8 0.49 4.57 -6.81
C GLY A 8 1.13 5.29 -5.64
N THR A 9 0.30 5.78 -4.73
CA THR A 9 0.79 6.47 -3.56
C THR A 9 0.16 5.91 -2.31
N CYS A 10 0.94 5.74 -1.27
CA CYS A 10 0.46 5.19 -0.03
C CYS A 10 0.99 6.00 1.14
N ASN A 11 0.15 6.21 2.15
CA ASN A 11 0.49 7.02 3.31
C ASN A 11 1.58 6.41 4.17
N THR A 12 1.31 5.25 4.74
CA THR A 12 2.26 4.58 5.61
C THR A 12 3.53 4.15 4.89
N PRO A 13 4.69 4.64 5.35
CA PRO A 13 5.98 4.30 4.76
C PRO A 13 6.22 2.79 4.84
N GLY A 14 6.61 2.21 3.73
CA GLY A 14 6.84 0.79 3.69
C GLY A 14 5.71 0.07 2.98
N CYS A 15 4.55 0.73 2.91
CA CYS A 15 3.39 0.16 2.25
C CYS A 15 3.40 0.49 0.77
N THR A 16 4.14 -0.29 0.00
CA THR A 16 4.23 -0.08 -1.43
C THR A 16 2.88 -0.34 -2.08
N CYS A 17 2.48 0.54 -2.98
CA CYS A 17 1.20 0.40 -3.66
C CYS A 17 1.13 -0.93 -4.43
N SER A 18 0.01 -1.60 -4.32
CA SER A 18 -0.22 -2.86 -5.00
C SER A 18 -1.66 -2.88 -5.51
N LYS A 19 -2.17 -4.06 -5.87
CA LYS A 19 -3.53 -4.24 -6.38
C LYS A 19 -4.57 -3.50 -5.53
N ASN A 20 -4.74 -2.20 -5.85
CA ASN A 20 -5.64 -1.28 -5.15
C ASN A 20 -5.46 -1.33 -3.63
N LYS A 21 -4.28 -1.76 -3.19
CA LYS A 21 -3.97 -1.87 -1.77
C LYS A 21 -2.48 -1.67 -1.50
N CYS A 22 -2.16 -1.06 -0.39
CA CYS A 22 -0.78 -0.82 -0.01
C CYS A 22 -0.26 -2.02 0.77
N THR A 23 0.90 -2.52 0.38
CA THR A 23 1.48 -3.68 1.04
C THR A 23 2.78 -3.31 1.74
N ARG A 24 2.92 -3.77 2.96
CA ARG A 24 4.11 -3.50 3.74
C ARG A 24 5.12 -4.60 3.46
N ASN A 25 6.10 -4.29 2.61
CA ASN A 25 7.12 -5.25 2.22
C ASN A 25 6.46 -6.45 1.55
N GLY A 26 5.37 -6.18 0.82
CA GLY A 26 4.65 -7.25 0.14
C GLY A 26 3.46 -7.76 0.92
N LEU A 27 3.38 -7.44 2.20
CA LEU A 27 2.27 -7.91 3.04
C LEU A 27 1.11 -6.93 2.99
N PRO A 28 -0.05 -7.36 2.46
CA PRO A 28 -1.25 -6.53 2.36
C PRO A 28 -1.95 -6.35 3.71
N VAL A 29 -1.20 -5.86 4.67
CA VAL A 29 -1.71 -5.64 6.02
C VAL A 29 -1.98 -4.17 6.27
N CYS A 1 -1.52 -3.29 5.33
CA CYS A 1 -1.76 -1.86 5.43
C CYS A 1 -3.24 -1.54 5.20
N GLY A 2 -3.83 -2.24 4.24
CA GLY A 2 -5.24 -2.07 3.94
C GLY A 2 -5.54 -0.84 3.09
N GLU A 3 -4.83 0.25 3.37
CA GLU A 3 -5.00 1.51 2.67
C GLU A 3 -4.84 1.37 1.16
N THR A 4 -5.34 2.35 0.43
CA THR A 4 -5.30 2.35 -1.01
C THR A 4 -4.34 3.42 -1.55
N CYS A 5 -3.84 3.19 -2.75
CA CYS A 5 -2.94 4.14 -3.40
C CYS A 5 -3.69 5.01 -4.39
N VAL A 6 -3.42 6.31 -4.34
CA VAL A 6 -4.05 7.28 -5.22
C VAL A 6 -3.38 7.25 -6.59
N GLY A 7 -3.36 6.06 -7.16
CA GLY A 7 -2.72 5.85 -8.44
C GLY A 7 -1.41 5.12 -8.28
N GLY A 8 -0.63 5.54 -7.29
CA GLY A 8 0.64 4.90 -7.02
C GLY A 8 1.32 5.49 -5.81
N THR A 9 0.54 5.91 -4.84
CA THR A 9 1.09 6.48 -3.62
C THR A 9 0.35 5.93 -2.41
N CYS A 10 1.08 5.61 -1.37
CA CYS A 10 0.48 5.08 -0.17
C CYS A 10 0.86 5.91 1.05
N ASN A 11 -0.16 6.31 1.79
CA ASN A 11 0.01 7.13 2.98
C ASN A 11 0.66 6.37 4.13
N THR A 12 0.45 5.06 4.17
CA THR A 12 1.01 4.25 5.22
C THR A 12 2.51 4.04 4.98
N PRO A 13 3.35 4.48 5.94
CA PRO A 13 4.80 4.36 5.84
C PRO A 13 5.25 2.92 5.63
N GLY A 14 6.12 2.72 4.65
CA GLY A 14 6.63 1.40 4.36
C GLY A 14 5.72 0.59 3.46
N CYS A 15 4.53 1.10 3.19
CA CYS A 15 3.59 0.37 2.34
C CYS A 15 3.70 0.80 0.88
N THR A 16 3.98 -0.16 0.02
CA THR A 16 4.08 0.07 -1.40
C THR A 16 2.72 -0.16 -2.05
N CYS A 17 2.42 0.61 -3.08
CA CYS A 17 1.13 0.48 -3.76
C CYS A 17 1.03 -0.88 -4.45
N SER A 18 -0.12 -1.52 -4.29
CA SER A 18 -0.39 -2.80 -4.91
C SER A 18 -1.84 -2.82 -5.38
N LYS A 19 -2.31 -3.96 -5.87
CA LYS A 19 -3.68 -4.12 -6.39
C LYS A 19 -4.74 -3.55 -5.44
N ASN A 20 -5.01 -2.24 -5.59
CA ASN A 20 -5.99 -1.52 -4.78
C ASN A 20 -5.69 -1.65 -3.28
N LYS A 21 -4.44 -1.98 -2.95
CA LYS A 21 -4.03 -2.16 -1.57
C LYS A 21 -2.56 -1.84 -1.37
N CYS A 22 -2.24 -1.22 -0.25
CA CYS A 22 -0.87 -0.90 0.07
C CYS A 22 -0.28 -2.08 0.84
N THR A 23 0.89 -2.54 0.41
CA THR A 23 1.52 -3.68 1.05
C THR A 23 2.83 -3.29 1.71
N ARG A 24 3.05 -3.79 2.91
CA ARG A 24 4.29 -3.53 3.63
C ARG A 24 5.22 -4.69 3.38
N ASN A 25 6.32 -4.40 2.66
CA ASN A 25 7.31 -5.42 2.28
C ASN A 25 6.63 -6.65 1.68
N GLY A 26 5.56 -6.43 0.93
CA GLY A 26 4.85 -7.52 0.28
C GLY A 26 3.61 -7.98 1.04
N LEU A 27 3.49 -7.59 2.31
CA LEU A 27 2.34 -8.01 3.12
C LEU A 27 1.20 -6.99 3.02
N PRO A 28 0.04 -7.40 2.47
CA PRO A 28 -1.13 -6.54 2.33
C PRO A 28 -1.88 -6.36 3.65
N VAL A 29 -1.17 -5.84 4.63
CA VAL A 29 -1.73 -5.63 5.95
C VAL A 29 -2.07 -4.15 6.17
N CYS A 1 -1.50 -3.24 5.46
CA CYS A 1 -1.68 -1.80 5.54
C CYS A 1 -3.15 -1.43 5.38
N GLY A 2 -3.82 -2.13 4.46
CA GLY A 2 -5.23 -1.89 4.22
C GLY A 2 -5.50 -0.69 3.34
N GLU A 3 -4.71 0.38 3.54
CA GLU A 3 -4.86 1.62 2.77
C GLU A 3 -4.77 1.36 1.27
N THR A 4 -5.39 2.25 0.52
CA THR A 4 -5.41 2.18 -0.91
C THR A 4 -4.46 3.21 -1.50
N CYS A 5 -3.96 2.95 -2.70
CA CYS A 5 -3.06 3.89 -3.34
C CYS A 5 -3.78 4.68 -4.41
N VAL A 6 -3.58 5.99 -4.39
CA VAL A 6 -4.20 6.90 -5.35
C VAL A 6 -3.47 6.83 -6.68
N GLY A 7 -3.35 5.62 -7.19
CA GLY A 7 -2.64 5.39 -8.43
C GLY A 7 -1.30 4.78 -8.18
N GLY A 8 -0.61 5.29 -7.17
CA GLY A 8 0.70 4.77 -6.83
C GLY A 8 1.29 5.46 -5.62
N THR A 9 0.45 5.80 -4.65
CA THR A 9 0.91 6.46 -3.45
C THR A 9 0.25 5.85 -2.22
N CYS A 10 1.01 5.67 -1.17
CA CYS A 10 0.50 5.08 0.04
C CYS A 10 0.96 5.87 1.26
N ASN A 11 0.04 6.07 2.19
CA ASN A 11 0.31 6.85 3.41
C ASN A 11 1.30 6.17 4.35
N THR A 12 0.99 4.96 4.75
CA THR A 12 1.84 4.22 5.68
C THR A 12 3.22 3.93 5.06
N PRO A 13 4.28 4.44 5.72
CA PRO A 13 5.65 4.24 5.26
C PRO A 13 6.00 2.77 5.21
N GLY A 14 6.54 2.34 4.08
CA GLY A 14 6.88 0.94 3.92
C GLY A 14 5.84 0.20 3.10
N CYS A 15 4.64 0.76 3.01
CA CYS A 15 3.58 0.14 2.25
C CYS A 15 3.63 0.60 0.81
N THR A 16 4.10 -0.27 -0.06
CA THR A 16 4.17 0.03 -1.48
C THR A 16 2.81 -0.19 -2.09
N CYS A 17 2.45 0.62 -3.07
CA CYS A 17 1.17 0.48 -3.73
C CYS A 17 1.11 -0.86 -4.46
N SER A 18 -0.02 -1.53 -4.35
CA SER A 18 -0.22 -2.82 -5.00
C SER A 18 -1.65 -2.87 -5.53
N LYS A 19 -2.11 -4.06 -5.91
CA LYS A 19 -3.45 -4.28 -6.46
C LYS A 19 -4.57 -3.59 -5.67
N ASN A 20 -4.74 -2.29 -5.93
CA ASN A 20 -5.75 -1.47 -5.26
C ASN A 20 -5.54 -1.44 -3.74
N LYS A 21 -4.36 -1.89 -3.29
CA LYS A 21 -4.07 -1.92 -1.86
C LYS A 21 -2.58 -1.73 -1.58
N CYS A 22 -2.27 -1.10 -0.46
CA CYS A 22 -0.88 -0.87 -0.08
C CYS A 22 -0.38 -2.05 0.73
N THR A 23 0.82 -2.53 0.40
CA THR A 23 1.41 -3.67 1.10
C THR A 23 2.76 -3.30 1.71
N ARG A 24 2.98 -3.74 2.93
CA ARG A 24 4.24 -3.46 3.61
C ARG A 24 5.23 -4.56 3.29
N ASN A 25 6.11 -4.27 2.35
CA ASN A 25 7.11 -5.25 1.90
C ASN A 25 6.42 -6.50 1.38
N GLY A 26 5.30 -6.29 0.68
CA GLY A 26 4.54 -7.40 0.14
C GLY A 26 3.42 -7.87 1.04
N LEU A 27 3.44 -7.45 2.30
CA LEU A 27 2.40 -7.87 3.24
C LEU A 27 1.19 -6.93 3.18
N PRO A 28 0.05 -7.42 2.71
CA PRO A 28 -1.19 -6.64 2.58
C PRO A 28 -1.89 -6.41 3.91
N VAL A 29 -1.18 -5.81 4.85
CA VAL A 29 -1.73 -5.54 6.17
C VAL A 29 -2.02 -4.06 6.36
N CYS A 1 -1.44 -3.07 5.67
CA CYS A 1 -1.68 -1.64 5.70
C CYS A 1 -3.17 -1.35 5.54
N GLY A 2 -3.82 -2.11 4.68
CA GLY A 2 -5.24 -1.93 4.42
C GLY A 2 -5.54 -0.80 3.47
N GLU A 3 -4.82 0.31 3.64
CA GLU A 3 -4.99 1.50 2.82
C GLU A 3 -4.80 1.20 1.33
N THR A 4 -5.33 2.10 0.52
CA THR A 4 -5.28 1.98 -0.91
C THR A 4 -4.48 3.13 -1.52
N CYS A 5 -3.89 2.88 -2.67
CA CYS A 5 -3.12 3.92 -3.37
C CYS A 5 -3.98 4.61 -4.41
N VAL A 6 -3.93 5.94 -4.39
CA VAL A 6 -4.70 6.77 -5.32
C VAL A 6 -3.99 6.82 -6.66
N GLY A 7 -3.73 5.63 -7.19
CA GLY A 7 -3.04 5.51 -8.46
C GLY A 7 -1.65 4.93 -8.26
N GLY A 8 -0.96 5.43 -7.25
CA GLY A 8 0.37 4.95 -6.95
C GLY A 8 0.98 5.64 -5.75
N THR A 9 0.15 5.98 -4.78
CA THR A 9 0.63 6.64 -3.58
C THR A 9 -0.02 6.03 -2.35
N CYS A 10 0.77 5.83 -1.32
CA CYS A 10 0.26 5.25 -0.09
C CYS A 10 0.69 6.10 1.10
N ASN A 11 -0.29 6.45 1.94
CA ASN A 11 -0.03 7.30 3.10
C ASN A 11 0.75 6.58 4.19
N THR A 12 0.51 5.28 4.33
CA THR A 12 1.17 4.50 5.34
C THR A 12 2.64 4.26 4.98
N PRO A 13 3.57 4.77 5.80
CA PRO A 13 5.00 4.62 5.56
C PRO A 13 5.42 3.16 5.46
N GLY A 14 6.19 2.86 4.42
CA GLY A 14 6.65 1.51 4.21
C GLY A 14 5.70 0.67 3.38
N CYS A 15 4.49 1.18 3.15
CA CYS A 15 3.52 0.43 2.37
C CYS A 15 3.64 0.76 0.89
N THR A 16 4.17 -0.19 0.13
CA THR A 16 4.32 -0.03 -1.30
C THR A 16 2.96 -0.23 -1.96
N CYS A 17 2.65 0.60 -2.93
CA CYS A 17 1.37 0.48 -3.63
C CYS A 17 1.33 -0.81 -4.44
N SER A 18 0.32 -1.61 -4.19
CA SER A 18 0.14 -2.86 -4.90
C SER A 18 -1.26 -2.90 -5.49
N LYS A 19 -1.69 -4.07 -5.95
CA LYS A 19 -3.02 -4.27 -6.57
C LYS A 19 -4.17 -3.61 -5.79
N ASN A 20 -4.34 -2.30 -6.04
CA ASN A 20 -5.37 -1.49 -5.40
C ASN A 20 -5.25 -1.53 -3.87
N LYS A 21 -4.07 -1.89 -3.37
CA LYS A 21 -3.85 -1.99 -1.93
C LYS A 21 -2.40 -1.69 -1.56
N CYS A 22 -2.18 -1.05 -0.43
CA CYS A 22 -0.84 -0.76 0.04
C CYS A 22 -0.34 -1.94 0.85
N THR A 23 0.83 -2.46 0.51
CA THR A 23 1.38 -3.61 1.20
C THR A 23 2.81 -3.35 1.65
N ARG A 24 3.15 -3.83 2.84
CA ARG A 24 4.49 -3.69 3.36
C ARG A 24 5.31 -4.91 2.99
N ASN A 25 6.17 -4.74 1.99
CA ASN A 25 6.99 -5.83 1.49
C ASN A 25 6.10 -6.97 1.00
N GLY A 26 4.96 -6.59 0.41
CA GLY A 26 4.03 -7.56 -0.11
C GLY A 26 2.94 -7.94 0.89
N LEU A 27 3.13 -7.59 2.15
CA LEU A 27 2.14 -7.91 3.18
C LEU A 27 1.01 -6.89 3.20
N PRO A 28 -0.22 -7.33 2.87
CA PRO A 28 -1.39 -6.47 2.84
C PRO A 28 -1.98 -6.23 4.23
N VAL A 29 -1.16 -5.64 5.08
CA VAL A 29 -1.57 -5.36 6.45
C VAL A 29 -1.90 -3.88 6.61
N CYS A 1 -1.53 -3.39 5.37
CA CYS A 1 -1.72 -1.97 5.62
C CYS A 1 -3.20 -1.61 5.47
N GLY A 2 -3.82 -2.14 4.44
CA GLY A 2 -5.23 -1.89 4.20
C GLY A 2 -5.49 -0.68 3.32
N GLU A 3 -4.70 0.38 3.50
CA GLU A 3 -4.86 1.61 2.71
C GLU A 3 -4.78 1.35 1.21
N THR A 4 -5.28 2.30 0.45
CA THR A 4 -5.28 2.23 -0.98
C THR A 4 -4.38 3.30 -1.58
N CYS A 5 -3.82 3.03 -2.75
CA CYS A 5 -2.96 4.01 -3.41
C CYS A 5 -3.77 4.82 -4.42
N VAL A 6 -3.83 6.12 -4.17
CA VAL A 6 -4.57 7.04 -5.04
C VAL A 6 -3.66 7.55 -6.15
N GLY A 7 -3.11 6.60 -6.88
CA GLY A 7 -2.21 6.93 -7.96
C GLY A 7 -0.82 6.41 -7.71
N GLY A 8 -0.76 5.18 -7.22
CA GLY A 8 0.52 4.55 -6.93
C GLY A 8 1.23 5.19 -5.76
N THR A 9 0.47 5.70 -4.80
CA THR A 9 1.05 6.33 -3.63
C THR A 9 0.35 5.85 -2.37
N CYS A 10 1.11 5.62 -1.33
CA CYS A 10 0.57 5.14 -0.08
C CYS A 10 1.11 5.96 1.08
N ASN A 11 0.21 6.38 1.97
CA ASN A 11 0.56 7.20 3.12
C ASN A 11 1.39 6.45 4.15
N THR A 12 1.01 5.21 4.42
CA THR A 12 1.70 4.41 5.42
C THR A 12 3.11 4.03 4.95
N PRO A 13 4.14 4.48 5.70
CA PRO A 13 5.54 4.19 5.37
C PRO A 13 5.81 2.70 5.31
N GLY A 14 6.47 2.28 4.24
CA GLY A 14 6.78 0.87 4.07
C GLY A 14 5.74 0.16 3.22
N CYS A 15 4.56 0.77 3.10
CA CYS A 15 3.50 0.16 2.32
C CYS A 15 3.57 0.61 0.87
N THR A 16 4.04 -0.28 0.01
CA THR A 16 4.15 -0.01 -1.40
C THR A 16 2.80 -0.22 -2.06
N CYS A 17 2.47 0.59 -3.05
CA CYS A 17 1.20 0.47 -3.74
C CYS A 17 1.09 -0.88 -4.44
N SER A 18 -0.05 -1.53 -4.30
CA SER A 18 -0.30 -2.82 -4.92
C SER A 18 -1.75 -2.85 -5.40
N LYS A 19 -2.22 -4.02 -5.84
CA LYS A 19 -3.59 -4.19 -6.36
C LYS A 19 -4.62 -3.55 -5.42
N ASN A 20 -4.90 -2.26 -5.67
CA ASN A 20 -5.84 -1.44 -4.90
C ASN A 20 -5.60 -1.54 -3.39
N LYS A 21 -4.37 -1.90 -3.01
CA LYS A 21 -4.01 -2.05 -1.60
C LYS A 21 -2.53 -1.74 -1.39
N CYS A 22 -2.22 -1.13 -0.25
CA CYS A 22 -0.85 -0.84 0.09
C CYS A 22 -0.26 -2.03 0.85
N THR A 23 0.88 -2.52 0.40
CA THR A 23 1.50 -3.66 1.04
C THR A 23 2.78 -3.27 1.76
N ARG A 24 2.92 -3.74 2.98
CA ARG A 24 4.10 -3.46 3.77
C ARG A 24 5.12 -4.56 3.50
N ASN A 25 6.12 -4.23 2.69
CA ASN A 25 7.14 -5.19 2.30
C ASN A 25 6.50 -6.39 1.61
N GLY A 26 5.47 -6.11 0.82
CA GLY A 26 4.78 -7.16 0.09
C GLY A 26 3.57 -7.70 0.84
N LEU A 27 3.44 -7.39 2.13
CA LEU A 27 2.31 -7.89 2.91
C LEU A 27 1.14 -6.89 2.88
N PRO A 28 0.01 -7.28 2.27
CA PRO A 28 -1.18 -6.42 2.17
C PRO A 28 -1.93 -6.31 3.49
N VAL A 29 -1.22 -5.89 4.51
CA VAL A 29 -1.79 -5.77 5.85
C VAL A 29 -2.06 -4.30 6.19
N CYS A 1 -1.48 -3.28 5.42
CA CYS A 1 -1.63 -1.84 5.52
C CYS A 1 -3.10 -1.44 5.37
N GLY A 2 -3.80 -2.11 4.47
CA GLY A 2 -5.21 -1.84 4.26
C GLY A 2 -5.47 -0.64 3.36
N GLU A 3 -4.63 0.38 3.50
CA GLU A 3 -4.77 1.61 2.71
C GLU A 3 -4.76 1.33 1.21
N THR A 4 -5.31 2.27 0.47
CA THR A 4 -5.37 2.20 -0.96
C THR A 4 -4.40 3.20 -1.58
N CYS A 5 -3.97 2.94 -2.80
CA CYS A 5 -3.05 3.86 -3.47
C CYS A 5 -3.74 4.60 -4.59
N VAL A 6 -3.53 5.92 -4.59
CA VAL A 6 -4.11 6.80 -5.60
C VAL A 6 -3.33 6.71 -6.89
N GLY A 7 -3.19 5.49 -7.37
CA GLY A 7 -2.45 5.24 -8.59
C GLY A 7 -1.09 4.65 -8.28
N GLY A 8 -0.45 5.20 -7.25
CA GLY A 8 0.86 4.72 -6.86
C GLY A 8 1.38 5.44 -5.64
N THR A 9 0.49 5.77 -4.71
CA THR A 9 0.88 6.45 -3.50
C THR A 9 0.20 5.84 -2.30
N CYS A 10 0.92 5.70 -1.21
CA CYS A 10 0.38 5.12 -0.01
C CYS A 10 0.78 5.96 1.20
N ASN A 11 -0.19 6.16 2.09
CA ASN A 11 0.01 7.00 3.29
C ASN A 11 1.01 6.41 4.27
N THR A 12 0.76 5.20 4.73
CA THR A 12 1.64 4.55 5.69
C THR A 12 3.02 4.28 5.09
N PRO A 13 4.06 4.93 5.65
CA PRO A 13 5.44 4.77 5.19
C PRO A 13 5.87 3.31 5.28
N GLY A 14 6.38 2.79 4.19
CA GLY A 14 6.80 1.41 4.15
C GLY A 14 5.86 0.58 3.31
N CYS A 15 4.64 1.05 3.16
CA CYS A 15 3.66 0.32 2.36
C CYS A 15 3.73 0.76 0.91
N THR A 16 4.05 -0.17 0.04
CA THR A 16 4.13 0.11 -1.38
C THR A 16 2.77 -0.12 -2.01
N CYS A 17 2.45 0.65 -3.04
CA CYS A 17 1.18 0.52 -3.72
C CYS A 17 1.09 -0.84 -4.43
N SER A 18 -0.04 -1.51 -4.27
CA SER A 18 -0.25 -2.79 -4.90
C SER A 18 -1.68 -2.80 -5.45
N LYS A 19 -2.10 -3.93 -6.02
CA LYS A 19 -3.43 -4.05 -6.61
C LYS A 19 -4.55 -3.58 -5.67
N ASN A 20 -4.90 -2.30 -5.82
CA ASN A 20 -5.95 -1.63 -5.04
C ASN A 20 -5.65 -1.59 -3.54
N LYS A 21 -4.44 -1.94 -3.14
CA LYS A 21 -4.10 -1.90 -1.71
C LYS A 21 -2.61 -1.73 -1.48
N CYS A 22 -2.25 -1.13 -0.36
CA CYS A 22 -0.86 -0.91 0.00
C CYS A 22 -0.33 -2.11 0.77
N THR A 23 0.84 -2.58 0.40
CA THR A 23 1.45 -3.73 1.07
C THR A 23 2.77 -3.34 1.72
N ARG A 24 3.00 -3.84 2.92
CA ARG A 24 4.23 -3.56 3.63
C ARG A 24 5.23 -4.64 3.30
N ASN A 25 6.12 -4.33 2.37
CA ASN A 25 7.13 -5.28 1.91
C ASN A 25 6.42 -6.52 1.36
N GLY A 26 5.30 -6.29 0.68
CA GLY A 26 4.53 -7.38 0.10
C GLY A 26 3.38 -7.83 0.97
N LEU A 27 3.42 -7.54 2.27
CA LEU A 27 2.36 -7.95 3.18
C LEU A 27 1.17 -6.98 3.11
N PRO A 28 0.01 -7.45 2.63
CA PRO A 28 -1.20 -6.62 2.51
C PRO A 28 -1.91 -6.39 3.83
N VAL A 29 -1.19 -5.86 4.79
CA VAL A 29 -1.74 -5.59 6.11
C VAL A 29 -1.99 -4.10 6.32
N CYS A 1 -1.51 -2.88 5.35
CA CYS A 1 -1.94 -1.49 5.35
C CYS A 1 -3.41 -1.38 5.00
N GLY A 2 -3.87 -2.23 4.09
CA GLY A 2 -5.27 -2.23 3.68
C GLY A 2 -5.66 -1.05 2.81
N GLU A 3 -5.09 0.11 3.12
CA GLU A 3 -5.38 1.36 2.41
C GLU A 3 -5.09 1.25 0.91
N THR A 4 -5.62 2.20 0.17
CA THR A 4 -5.45 2.24 -1.26
C THR A 4 -4.45 3.33 -1.68
N CYS A 5 -3.84 3.13 -2.83
CA CYS A 5 -2.89 4.09 -3.36
C CYS A 5 -3.56 5.02 -4.36
N VAL A 6 -3.24 6.30 -4.28
CA VAL A 6 -3.81 7.31 -5.17
C VAL A 6 -3.08 7.27 -6.50
N GLY A 7 -3.08 6.10 -7.09
CA GLY A 7 -2.39 5.88 -8.34
C GLY A 7 -1.10 5.12 -8.13
N GLY A 8 -0.38 5.50 -7.09
CA GLY A 8 0.87 4.85 -6.77
C GLY A 8 1.51 5.43 -5.53
N THR A 9 0.68 5.84 -4.57
CA THR A 9 1.18 6.41 -3.33
C THR A 9 0.40 5.86 -2.16
N CYS A 10 1.09 5.58 -1.08
CA CYS A 10 0.44 5.05 0.09
C CYS A 10 0.79 5.88 1.32
N ASN A 11 -0.23 6.20 2.10
CA ASN A 11 -0.09 7.03 3.29
C ASN A 11 0.84 6.43 4.33
N THR A 12 0.71 5.15 4.61
CA THR A 12 1.54 4.49 5.59
C THR A 12 2.93 4.19 5.04
N PRO A 13 3.96 4.87 5.58
CA PRO A 13 5.34 4.69 5.14
C PRO A 13 5.78 3.25 5.28
N GLY A 14 6.29 2.70 4.20
CA GLY A 14 6.71 1.32 4.21
C GLY A 14 5.84 0.47 3.34
N CYS A 15 4.59 0.91 3.13
CA CYS A 15 3.67 0.14 2.29
C CYS A 15 3.73 0.61 0.85
N THR A 16 4.12 -0.30 -0.02
CA THR A 16 4.19 -0.05 -1.44
C THR A 16 2.82 -0.25 -2.07
N CYS A 17 2.48 0.57 -3.04
CA CYS A 17 1.19 0.48 -3.70
C CYS A 17 1.05 -0.87 -4.42
N SER A 18 -0.08 -1.52 -4.23
CA SER A 18 -0.36 -2.80 -4.87
C SER A 18 -1.81 -2.80 -5.34
N LYS A 19 -2.28 -3.93 -5.89
CA LYS A 19 -3.65 -4.05 -6.41
C LYS A 19 -4.70 -3.53 -5.42
N ASN A 20 -4.99 -2.23 -5.53
CA ASN A 20 -5.96 -1.53 -4.69
C ASN A 20 -5.66 -1.73 -3.20
N LYS A 21 -4.40 -2.04 -2.89
CA LYS A 21 -3.98 -2.28 -1.51
C LYS A 21 -2.52 -1.92 -1.29
N CYS A 22 -2.23 -1.28 -0.17
CA CYS A 22 -0.86 -0.94 0.17
C CYS A 22 -0.25 -2.08 0.95
N THR A 23 0.84 -2.63 0.43
CA THR A 23 1.49 -3.75 1.08
C THR A 23 2.83 -3.35 1.68
N ARG A 24 3.10 -3.82 2.87
CA ARG A 24 4.33 -3.52 3.54
C ARG A 24 5.35 -4.57 3.14
N ASN A 25 6.11 -4.26 2.10
CA ASN A 25 7.10 -5.19 1.55
C ASN A 25 6.41 -6.49 1.16
N GLY A 26 5.26 -6.36 0.51
CA GLY A 26 4.51 -7.52 0.08
C GLY A 26 3.42 -7.93 1.05
N LEU A 27 3.52 -7.51 2.31
CA LEU A 27 2.52 -7.87 3.32
C LEU A 27 1.31 -6.91 3.26
N PRO A 28 0.15 -7.41 2.82
CA PRO A 28 -1.07 -6.60 2.69
C PRO A 28 -1.71 -6.27 4.04
N VAL A 29 -0.99 -5.53 4.86
CA VAL A 29 -1.49 -5.18 6.19
C VAL A 29 -1.98 -3.73 6.26
N CYS A 1 -1.54 -3.22 5.55
CA CYS A 1 -1.65 -1.77 5.60
C CYS A 1 -3.10 -1.32 5.54
N GLY A 2 -3.89 -2.01 4.74
CA GLY A 2 -5.29 -1.67 4.59
C GLY A 2 -5.52 -0.53 3.62
N GLU A 3 -4.64 0.46 3.64
CA GLU A 3 -4.75 1.62 2.75
C GLU A 3 -4.74 1.23 1.29
N THR A 4 -5.29 2.10 0.48
CA THR A 4 -5.33 1.93 -0.94
C THR A 4 -4.46 2.99 -1.59
N CYS A 5 -3.90 2.70 -2.75
CA CYS A 5 -3.08 3.69 -3.41
C CYS A 5 -3.86 4.42 -4.49
N VAL A 6 -3.76 5.75 -4.46
CA VAL A 6 -4.45 6.61 -5.41
C VAL A 6 -3.69 6.62 -6.73
N GLY A 7 -3.50 5.43 -7.26
CA GLY A 7 -2.78 5.26 -8.50
C GLY A 7 -1.40 4.71 -8.25
N GLY A 8 -0.75 5.23 -7.22
CA GLY A 8 0.58 4.77 -6.87
C GLY A 8 1.13 5.49 -5.66
N THR A 9 0.25 5.79 -4.71
CA THR A 9 0.67 6.48 -3.50
C THR A 9 0.03 5.86 -2.27
N CYS A 10 0.81 5.74 -1.23
CA CYS A 10 0.34 5.16 0.01
C CYS A 10 0.83 6.02 1.18
N ASN A 11 -0.01 6.22 2.18
CA ASN A 11 0.32 7.07 3.32
C ASN A 11 1.23 6.38 4.32
N THR A 12 0.83 5.20 4.76
CA THR A 12 1.62 4.46 5.74
C THR A 12 3.01 4.11 5.22
N PRO A 13 4.05 4.62 5.89
CA PRO A 13 5.45 4.40 5.51
C PRO A 13 5.78 2.91 5.48
N GLY A 14 6.40 2.50 4.39
CA GLY A 14 6.75 1.10 4.24
C GLY A 14 5.77 0.36 3.35
N CYS A 15 4.58 0.91 3.19
CA CYS A 15 3.58 0.28 2.36
C CYS A 15 3.69 0.75 0.92
N THR A 16 4.12 -0.16 0.05
CA THR A 16 4.24 0.15 -1.35
C THR A 16 2.90 -0.08 -2.02
N CYS A 17 2.59 0.73 -3.02
CA CYS A 17 1.33 0.58 -3.72
C CYS A 17 1.28 -0.76 -4.44
N SER A 18 0.19 -1.48 -4.26
CA SER A 18 0.00 -2.77 -4.89
C SER A 18 -1.39 -2.78 -5.51
N LYS A 19 -1.77 -3.88 -6.15
CA LYS A 19 -3.08 -3.98 -6.80
C LYS A 19 -4.23 -3.53 -5.92
N ASN A 20 -4.58 -2.24 -6.07
CA ASN A 20 -5.68 -1.60 -5.36
C ASN A 20 -5.46 -1.52 -3.84
N LYS A 21 -4.29 -1.88 -3.35
CA LYS A 21 -4.01 -1.82 -1.91
C LYS A 21 -2.53 -1.68 -1.61
N CYS A 22 -2.23 -1.07 -0.48
CA CYS A 22 -0.85 -0.87 -0.05
C CYS A 22 -0.38 -2.07 0.77
N THR A 23 0.84 -2.52 0.50
CA THR A 23 1.39 -3.66 1.21
C THR A 23 2.76 -3.34 1.79
N ARG A 24 3.07 -3.88 2.95
CA ARG A 24 4.35 -3.68 3.57
C ARG A 24 5.29 -4.74 3.08
N ASN A 25 5.99 -4.42 1.99
CA ASN A 25 6.92 -5.35 1.35
C ASN A 25 6.18 -6.62 0.97
N GLY A 26 4.98 -6.44 0.41
CA GLY A 26 4.18 -7.58 0.02
C GLY A 26 3.10 -7.94 1.02
N LEU A 27 3.29 -7.58 2.29
CA LEU A 27 2.31 -7.91 3.33
C LEU A 27 1.12 -6.95 3.28
N PRO A 28 -0.06 -7.45 2.89
CA PRO A 28 -1.27 -6.64 2.79
C PRO A 28 -1.94 -6.38 4.14
N VAL A 29 -1.20 -5.79 5.04
CA VAL A 29 -1.70 -5.48 6.37
C VAL A 29 -1.88 -3.98 6.56
N CYS A 1 -1.48 -3.38 5.45
CA CYS A 1 -1.68 -1.94 5.59
C CYS A 1 -3.14 -1.56 5.46
N GLY A 2 -3.83 -2.25 4.55
CA GLY A 2 -5.24 -1.98 4.32
C GLY A 2 -5.50 -0.78 3.44
N GLU A 3 -4.63 0.23 3.54
CA GLU A 3 -4.75 1.46 2.77
C GLU A 3 -4.75 1.22 1.27
N THR A 4 -5.02 2.29 0.55
CA THR A 4 -5.08 2.27 -0.89
C THR A 4 -4.17 3.32 -1.51
N CYS A 5 -3.77 3.10 -2.76
CA CYS A 5 -2.93 4.04 -3.45
C CYS A 5 -3.75 4.85 -4.45
N VAL A 6 -3.84 6.15 -4.20
CA VAL A 6 -4.60 7.07 -5.04
C VAL A 6 -3.70 7.64 -6.13
N GLY A 7 -3.08 6.74 -6.86
CA GLY A 7 -2.19 7.13 -7.93
C GLY A 7 -0.80 6.60 -7.69
N GLY A 8 -0.73 5.35 -7.27
CA GLY A 8 0.55 4.72 -7.00
C GLY A 8 1.26 5.31 -5.80
N THR A 9 0.49 5.81 -4.84
CA THR A 9 1.06 6.38 -3.64
C THR A 9 0.30 5.89 -2.43
N CYS A 10 1.02 5.61 -1.37
CA CYS A 10 0.41 5.10 -0.16
C CYS A 10 0.82 5.94 1.05
N ASN A 11 -0.17 6.36 1.81
CA ASN A 11 0.04 7.21 2.99
C ASN A 11 0.74 6.45 4.11
N THR A 12 0.44 5.17 4.23
CA THR A 12 1.02 4.34 5.26
C THR A 12 2.51 4.10 5.01
N PRO A 13 3.37 4.57 5.91
CA PRO A 13 4.82 4.42 5.79
C PRO A 13 5.26 2.96 5.67
N GLY A 14 6.09 2.70 4.67
CA GLY A 14 6.58 1.36 4.43
C GLY A 14 5.69 0.57 3.49
N CYS A 15 4.48 1.06 3.26
CA CYS A 15 3.55 0.36 2.38
C CYS A 15 3.65 0.87 0.95
N THR A 16 3.94 -0.05 0.04
CA THR A 16 4.03 0.29 -1.37
C THR A 16 2.69 0.02 -2.03
N CYS A 17 2.41 0.70 -3.11
CA CYS A 17 1.15 0.53 -3.82
C CYS A 17 1.08 -0.87 -4.47
N SER A 18 -0.09 -1.48 -4.38
CA SER A 18 -0.32 -2.79 -4.96
C SER A 18 -1.75 -2.83 -5.49
N LYS A 19 -2.21 -4.01 -5.93
CA LYS A 19 -3.55 -4.19 -6.49
C LYS A 19 -4.65 -3.55 -5.63
N ASN A 20 -4.87 -2.25 -5.87
CA ASN A 20 -5.85 -1.44 -5.16
C ASN A 20 -5.65 -1.50 -3.64
N LYS A 21 -4.43 -1.85 -3.22
CA LYS A 21 -4.11 -1.97 -1.79
C LYS A 21 -2.64 -1.68 -1.53
N CYS A 22 -2.35 -1.16 -0.35
CA CYS A 22 -0.97 -0.88 0.03
C CYS A 22 -0.41 -2.07 0.79
N THR A 23 0.77 -2.53 0.39
CA THR A 23 1.40 -3.66 1.04
C THR A 23 2.73 -3.25 1.64
N ARG A 24 3.02 -3.73 2.83
CA ARG A 24 4.28 -3.42 3.49
C ARG A 24 5.18 -4.62 3.38
N ASN A 25 6.26 -4.48 2.62
CA ASN A 25 7.20 -5.56 2.39
C ASN A 25 6.48 -6.72 1.71
N GLY A 26 5.48 -6.38 0.89
CA GLY A 26 4.72 -7.39 0.18
C GLY A 26 3.51 -7.88 0.97
N LEU A 27 3.43 -7.53 2.25
CA LEU A 27 2.32 -7.96 3.09
C LEU A 27 1.17 -6.97 3.04
N PRO A 28 0.00 -7.39 2.52
CA PRO A 28 -1.19 -6.54 2.42
C PRO A 28 -1.91 -6.38 3.76
N VAL A 29 -1.16 -5.91 4.73
CA VAL A 29 -1.69 -5.71 6.08
C VAL A 29 -1.97 -4.23 6.34
N CYS A 1 -1.61 -3.15 5.34
CA CYS A 1 -1.80 -1.71 5.41
C CYS A 1 -3.28 -1.36 5.30
N GLY A 2 -3.97 -2.06 4.41
CA GLY A 2 -5.39 -1.84 4.21
C GLY A 2 -5.69 -0.68 3.29
N GLU A 3 -4.95 0.41 3.45
CA GLU A 3 -5.14 1.61 2.64
C GLU A 3 -4.94 1.34 1.15
N THR A 4 -5.45 2.25 0.34
CA THR A 4 -5.36 2.15 -1.08
C THR A 4 -4.45 3.24 -1.65
N CYS A 5 -3.83 2.96 -2.78
CA CYS A 5 -2.97 3.94 -3.42
C CYS A 5 -3.75 4.75 -4.45
N VAL A 6 -3.86 6.05 -4.18
CA VAL A 6 -4.59 6.97 -5.05
C VAL A 6 -3.66 7.50 -6.13
N GLY A 7 -3.04 6.58 -6.84
CA GLY A 7 -2.12 6.94 -7.90
C GLY A 7 -0.73 6.46 -7.59
N GLY A 8 -0.64 5.24 -7.09
CA GLY A 8 0.64 4.66 -6.76
C GLY A 8 1.28 5.31 -5.54
N THR A 9 0.44 5.80 -4.64
CA THR A 9 0.93 6.44 -3.43
C THR A 9 0.22 5.86 -2.23
N CYS A 10 0.95 5.67 -1.15
CA CYS A 10 0.38 5.10 0.05
C CYS A 10 0.83 5.86 1.29
N ASN A 11 -0.15 6.21 2.12
CA ASN A 11 0.11 6.95 3.35
C ASN A 11 0.76 6.10 4.42
N THR A 12 0.42 4.82 4.44
CA THR A 12 0.96 3.89 5.40
C THR A 12 2.48 3.77 5.24
N PRO A 13 3.24 4.08 6.30
CA PRO A 13 4.69 4.03 6.26
C PRO A 13 5.25 2.66 5.88
N GLY A 14 6.04 2.67 4.82
CA GLY A 14 6.66 1.45 4.33
C GLY A 14 5.72 0.60 3.52
N CYS A 15 4.57 1.15 3.13
CA CYS A 15 3.63 0.38 2.33
C CYS A 15 3.72 0.75 0.86
N THR A 16 4.13 -0.21 0.05
CA THR A 16 4.23 -0.02 -1.38
C THR A 16 2.89 -0.27 -2.03
N CYS A 17 2.53 0.56 -3.00
CA CYS A 17 1.25 0.43 -3.68
C CYS A 17 1.17 -0.92 -4.41
N SER A 18 0.03 -1.58 -4.28
CA SER A 18 -0.20 -2.86 -4.92
C SER A 18 -1.64 -2.88 -5.44
N LYS A 19 -2.11 -4.06 -5.86
CA LYS A 19 -3.46 -4.26 -6.40
C LYS A 19 -4.57 -3.60 -5.56
N ASN A 20 -4.73 -2.29 -5.76
CA ASN A 20 -5.71 -1.47 -5.05
C ASN A 20 -5.50 -1.55 -3.54
N LYS A 21 -4.30 -1.91 -3.11
CA LYS A 21 -3.98 -2.05 -1.69
C LYS A 21 -2.51 -1.76 -1.42
N CYS A 22 -2.23 -1.18 -0.27
CA CYS A 22 -0.85 -0.90 0.11
C CYS A 22 -0.29 -2.11 0.84
N THR A 23 0.94 -2.46 0.56
CA THR A 23 1.56 -3.63 1.18
C THR A 23 2.92 -3.31 1.80
N ARG A 24 3.18 -3.88 2.96
CA ARG A 24 4.46 -3.68 3.63
C ARG A 24 5.42 -4.74 3.14
N ASN A 25 6.22 -4.38 2.13
CA ASN A 25 7.17 -5.31 1.54
C ASN A 25 6.45 -6.54 1.01
N GLY A 26 5.21 -6.33 0.54
CA GLY A 26 4.43 -7.42 0.01
C GLY A 26 3.28 -7.83 0.93
N LEU A 27 3.40 -7.55 2.22
CA LEU A 27 2.35 -7.90 3.18
C LEU A 27 1.18 -6.91 3.12
N PRO A 28 0.01 -7.36 2.65
CA PRO A 28 -1.19 -6.51 2.54
C PRO A 28 -1.91 -6.27 3.85
N VAL A 29 -1.20 -5.73 4.82
CA VAL A 29 -1.76 -5.44 6.13
C VAL A 29 -2.03 -3.96 6.31
N CYS A 1 -1.43 -3.22 5.49
CA CYS A 1 -1.63 -1.78 5.56
C CYS A 1 -3.11 -1.44 5.45
N GLY A 2 -3.82 -2.15 4.59
CA GLY A 2 -5.24 -1.94 4.41
C GLY A 2 -5.57 -0.76 3.49
N GLU A 3 -4.78 0.30 3.60
CA GLU A 3 -4.97 1.51 2.81
C GLU A 3 -4.89 1.24 1.31
N THR A 4 -5.35 2.22 0.55
CA THR A 4 -5.36 2.15 -0.89
C THR A 4 -4.45 3.21 -1.50
N CYS A 5 -3.94 2.93 -2.69
CA CYS A 5 -3.08 3.88 -3.37
C CYS A 5 -3.85 4.62 -4.46
N VAL A 6 -3.67 5.94 -4.49
CA VAL A 6 -4.34 6.80 -5.46
C VAL A 6 -3.60 6.74 -6.79
N GLY A 7 -3.43 5.52 -7.27
CA GLY A 7 -2.71 5.30 -8.51
C GLY A 7 -1.35 4.71 -8.25
N GLY A 8 -0.66 5.25 -7.26
CA GLY A 8 0.65 4.75 -6.91
C GLY A 8 1.23 5.46 -5.71
N THR A 9 0.38 5.82 -4.75
CA THR A 9 0.84 6.50 -3.55
C THR A 9 0.17 5.89 -2.35
N CYS A 10 0.91 5.74 -1.28
CA CYS A 10 0.38 5.16 -0.07
C CYS A 10 0.78 5.97 1.15
N ASN A 11 -0.22 6.30 1.97
CA ASN A 11 -0.03 7.09 3.18
C ASN A 11 0.59 6.27 4.29
N THR A 12 0.37 4.97 4.27
CA THR A 12 0.91 4.09 5.28
C THR A 12 2.42 3.94 5.12
N PRO A 13 3.19 4.30 6.16
CA PRO A 13 4.65 4.22 6.13
C PRO A 13 5.16 2.82 5.81
N GLY A 14 6.05 2.75 4.84
CA GLY A 14 6.63 1.49 4.43
C GLY A 14 5.70 0.64 3.60
N CYS A 15 4.58 1.20 3.16
CA CYS A 15 3.65 0.42 2.34
C CYS A 15 3.75 0.81 0.88
N THR A 16 4.13 -0.16 0.06
CA THR A 16 4.24 0.05 -1.37
C THR A 16 2.88 -0.21 -2.01
N CYS A 17 2.52 0.60 -2.99
CA CYS A 17 1.24 0.45 -3.66
C CYS A 17 1.18 -0.90 -4.38
N SER A 18 0.07 -1.58 -4.26
CA SER A 18 -0.14 -2.87 -4.91
C SER A 18 -1.56 -2.89 -5.47
N LYS A 19 -2.03 -4.08 -5.87
CA LYS A 19 -3.37 -4.25 -6.45
C LYS A 19 -4.47 -3.56 -5.64
N ASN A 20 -4.67 -2.28 -5.95
CA ASN A 20 -5.67 -1.42 -5.30
C ASN A 20 -5.47 -1.37 -3.78
N LYS A 21 -4.31 -1.79 -3.30
CA LYS A 21 -4.03 -1.80 -1.87
C LYS A 21 -2.56 -1.61 -1.56
N CYS A 22 -2.27 -1.02 -0.42
CA CYS A 22 -0.90 -0.80 0.01
C CYS A 22 -0.39 -2.00 0.77
N THR A 23 0.79 -2.47 0.40
CA THR A 23 1.37 -3.63 1.06
C THR A 23 2.75 -3.29 1.62
N ARG A 24 3.01 -3.77 2.82
CA ARG A 24 4.29 -3.54 3.46
C ARG A 24 5.19 -4.72 3.15
N ASN A 25 6.24 -4.47 2.38
CA ASN A 25 7.18 -5.49 1.93
C ASN A 25 6.44 -6.73 1.39
N GLY A 26 5.33 -6.47 0.70
CA GLY A 26 4.55 -7.54 0.10
C GLY A 26 3.36 -7.98 0.94
N LEU A 27 3.31 -7.58 2.20
CA LEU A 27 2.22 -7.97 3.09
C LEU A 27 1.08 -6.95 3.05
N PRO A 28 -0.12 -7.39 2.62
CA PRO A 28 -1.30 -6.53 2.55
C PRO A 28 -1.95 -6.32 3.91
N VAL A 29 -1.16 -5.78 4.83
CA VAL A 29 -1.62 -5.53 6.18
C VAL A 29 -1.92 -4.05 6.40
N CYS A 1 -1.56 -3.44 5.31
CA CYS A 1 -1.76 -2.02 5.57
C CYS A 1 -3.24 -1.66 5.43
N GLY A 2 -3.85 -2.18 4.38
CA GLY A 2 -5.26 -1.93 4.15
C GLY A 2 -5.52 -0.72 3.27
N GLU A 3 -4.74 0.36 3.46
CA GLU A 3 -4.89 1.58 2.69
C GLU A 3 -4.76 1.34 1.19
N THR A 4 -5.18 2.34 0.41
CA THR A 4 -5.11 2.26 -1.04
C THR A 4 -4.11 3.30 -1.55
N CYS A 5 -3.92 3.33 -2.86
CA CYS A 5 -3.01 4.28 -3.48
C CYS A 5 -3.76 5.17 -4.47
N VAL A 6 -3.72 6.47 -4.20
CA VAL A 6 -4.39 7.46 -5.04
C VAL A 6 -3.47 7.90 -6.17
N GLY A 7 -2.98 6.91 -6.91
CA GLY A 7 -2.08 7.18 -8.01
C GLY A 7 -0.74 6.54 -7.77
N GLY A 8 -0.77 5.30 -7.29
CA GLY A 8 0.45 4.57 -7.01
C GLY A 8 1.23 5.15 -5.84
N THR A 9 0.53 5.69 -4.87
CA THR A 9 1.16 6.27 -3.70
C THR A 9 0.45 5.83 -2.43
N CYS A 10 1.22 5.52 -1.41
CA CYS A 10 0.66 5.09 -0.16
C CYS A 10 1.24 5.93 0.98
N ASN A 11 0.36 6.40 1.86
CA ASN A 11 0.76 7.24 2.99
C ASN A 11 1.51 6.46 4.05
N THR A 12 1.00 5.29 4.39
CA THR A 12 1.59 4.44 5.40
C THR A 12 3.03 4.05 5.04
N PRO A 13 4.00 4.47 5.85
CA PRO A 13 5.42 4.18 5.62
C PRO A 13 5.70 2.69 5.54
N GLY A 14 6.39 2.30 4.48
CA GLY A 14 6.71 0.91 4.28
C GLY A 14 5.73 0.22 3.37
N CYS A 15 4.54 0.81 3.22
CA CYS A 15 3.52 0.22 2.38
C CYS A 15 3.64 0.73 0.95
N THR A 16 3.88 -0.18 0.03
CA THR A 16 3.99 0.14 -1.37
C THR A 16 2.65 -0.11 -2.05
N CYS A 17 2.32 0.70 -3.04
CA CYS A 17 1.04 0.55 -3.74
C CYS A 17 0.96 -0.80 -4.44
N SER A 18 -0.16 -1.47 -4.28
CA SER A 18 -0.39 -2.76 -4.89
C SER A 18 -1.85 -2.84 -5.35
N LYS A 19 -2.30 -4.02 -5.77
CA LYS A 19 -3.68 -4.23 -6.26
C LYS A 19 -4.75 -3.63 -5.34
N ASN A 20 -4.99 -2.33 -5.52
CA ASN A 20 -5.96 -1.56 -4.75
C ASN A 20 -5.67 -1.66 -3.24
N LYS A 21 -4.42 -1.98 -2.91
CA LYS A 21 -4.02 -2.13 -1.51
C LYS A 21 -2.55 -1.80 -1.32
N CYS A 22 -2.22 -1.19 -0.20
CA CYS A 22 -0.84 -0.88 0.12
C CYS A 22 -0.24 -2.06 0.86
N THR A 23 0.89 -2.55 0.39
CA THR A 23 1.54 -3.70 1.00
C THR A 23 2.80 -3.28 1.74
N ARG A 24 2.96 -3.77 2.95
CA ARG A 24 4.14 -3.45 3.72
C ARG A 24 5.13 -4.58 3.56
N ASN A 25 6.22 -4.31 2.87
CA ASN A 25 7.25 -5.32 2.61
C ASN A 25 6.63 -6.47 1.81
N GLY A 26 5.62 -6.14 1.00
CA GLY A 26 4.96 -7.14 0.20
C GLY A 26 3.69 -7.70 0.84
N LEU A 27 3.49 -7.44 2.13
CA LEU A 27 2.31 -7.94 2.83
C LEU A 27 1.17 -6.93 2.79
N PRO A 28 0.05 -7.28 2.14
CA PRO A 28 -1.13 -6.41 2.03
C PRO A 28 -1.92 -6.32 3.33
N VAL A 29 -1.24 -5.93 4.38
CA VAL A 29 -1.85 -5.82 5.70
C VAL A 29 -2.12 -4.36 6.07
N CYS A 1 -1.59 -3.04 5.39
CA CYS A 1 -1.96 -1.62 5.45
C CYS A 1 -3.43 -1.42 5.16
N GLY A 2 -3.97 -2.21 4.24
CA GLY A 2 -5.38 -2.11 3.89
C GLY A 2 -5.70 -0.90 3.03
N GLU A 3 -4.89 0.15 3.17
CA GLU A 3 -5.04 1.41 2.44
C GLU A 3 -4.98 1.19 0.93
N THR A 4 -5.28 2.25 0.21
CA THR A 4 -5.24 2.24 -1.24
C THR A 4 -4.20 3.24 -1.73
N CYS A 5 -4.03 3.36 -3.03
CA CYS A 5 -3.07 4.29 -3.59
C CYS A 5 -3.71 5.17 -4.65
N VAL A 6 -3.42 6.46 -4.57
CA VAL A 6 -3.93 7.45 -5.50
C VAL A 6 -3.09 7.43 -6.78
N GLY A 7 -2.98 6.24 -7.34
CA GLY A 7 -2.19 6.04 -8.54
C GLY A 7 -0.93 5.26 -8.23
N GLY A 8 -0.28 5.61 -7.14
CA GLY A 8 0.93 4.91 -6.75
C GLY A 8 1.51 5.47 -5.47
N THR A 9 0.65 5.89 -4.55
CA THR A 9 1.09 6.43 -3.28
C THR A 9 0.27 5.88 -2.15
N CYS A 10 0.92 5.59 -1.04
CA CYS A 10 0.24 5.05 0.12
C CYS A 10 0.61 5.86 1.36
N ASN A 11 -0.36 6.04 2.24
CA ASN A 11 -0.17 6.83 3.46
C ASN A 11 0.90 6.27 4.38
N THR A 12 0.75 5.02 4.78
CA THR A 12 1.71 4.39 5.67
C THR A 12 3.04 4.12 4.97
N PRO A 13 4.12 4.77 5.45
CA PRO A 13 5.45 4.59 4.89
C PRO A 13 5.88 3.14 4.98
N GLY A 14 6.35 2.61 3.88
CA GLY A 14 6.75 1.23 3.85
C GLY A 14 5.81 0.40 3.01
N CYS A 15 4.55 0.83 2.93
CA CYS A 15 3.59 0.10 2.13
C CYS A 15 3.58 0.59 0.69
N THR A 16 4.04 -0.27 -0.20
CA THR A 16 4.09 0.03 -1.60
C THR A 16 2.71 -0.18 -2.21
N CYS A 17 2.33 0.67 -3.14
CA CYS A 17 1.03 0.57 -3.77
C CYS A 17 0.90 -0.76 -4.52
N SER A 18 -0.12 -1.51 -4.18
CA SER A 18 -0.38 -2.79 -4.83
C SER A 18 -1.81 -2.80 -5.34
N LYS A 19 -2.27 -3.92 -5.89
CA LYS A 19 -3.63 -4.05 -6.45
C LYS A 19 -4.72 -3.53 -5.50
N ASN A 20 -4.96 -2.23 -5.57
CA ASN A 20 -5.96 -1.53 -4.75
C ASN A 20 -5.66 -1.65 -3.26
N LYS A 21 -4.44 -2.07 -2.91
CA LYS A 21 -4.06 -2.24 -1.53
C LYS A 21 -2.58 -1.95 -1.30
N CYS A 22 -2.27 -1.32 -0.19
CA CYS A 22 -0.90 -1.00 0.14
C CYS A 22 -0.28 -2.16 0.92
N THR A 23 0.87 -2.64 0.46
CA THR A 23 1.54 -3.74 1.12
C THR A 23 2.93 -3.33 1.60
N ARG A 24 3.28 -3.73 2.81
CA ARG A 24 4.60 -3.41 3.34
C ARG A 24 5.49 -4.62 3.17
N ASN A 25 6.46 -4.50 2.26
CA ASN A 25 7.37 -5.60 1.96
C ASN A 25 6.56 -6.80 1.47
N GLY A 26 5.47 -6.52 0.77
CA GLY A 26 4.63 -7.57 0.24
C GLY A 26 3.47 -7.93 1.15
N LEU A 27 3.53 -7.49 2.41
CA LEU A 27 2.47 -7.80 3.37
C LEU A 27 1.29 -6.83 3.24
N PRO A 28 0.14 -7.31 2.78
CA PRO A 28 -1.07 -6.51 2.60
C PRO A 28 -1.79 -6.26 3.91
N VAL A 29 -1.11 -5.64 4.84
CA VAL A 29 -1.67 -5.36 6.15
C VAL A 29 -2.08 -3.90 6.29
N CYS A 1 -1.58 -3.17 5.55
CA CYS A 1 -1.75 -1.73 5.61
C CYS A 1 -3.21 -1.34 5.52
N GLY A 2 -3.95 -2.05 4.69
CA GLY A 2 -5.36 -1.78 4.50
C GLY A 2 -5.61 -0.65 3.51
N GLU A 3 -4.78 0.39 3.59
CA GLU A 3 -4.90 1.55 2.71
C GLU A 3 -4.80 1.17 1.24
N THR A 4 -5.26 2.09 0.41
CA THR A 4 -5.26 1.95 -1.00
C THR A 4 -4.43 3.06 -1.62
N CYS A 5 -3.82 2.80 -2.76
CA CYS A 5 -3.03 3.83 -3.42
C CYS A 5 -3.87 4.61 -4.42
N VAL A 6 -4.05 5.89 -4.14
CA VAL A 6 -4.84 6.77 -5.00
C VAL A 6 -3.96 7.36 -6.08
N GLY A 7 -3.32 6.48 -6.82
CA GLY A 7 -2.44 6.91 -7.88
C GLY A 7 -1.01 6.51 -7.61
N GLY A 8 -0.85 5.28 -7.12
CA GLY A 8 0.48 4.77 -6.82
C GLY A 8 1.09 5.45 -5.61
N THR A 9 0.25 5.85 -4.66
CA THR A 9 0.73 6.50 -3.46
C THR A 9 0.07 5.91 -2.24
N CYS A 10 0.85 5.72 -1.20
CA CYS A 10 0.36 5.14 0.04
C CYS A 10 0.88 5.94 1.22
N ASN A 11 0.02 6.21 2.20
CA ASN A 11 0.40 7.01 3.37
C ASN A 11 1.27 6.22 4.33
N THR A 12 0.82 5.02 4.67
CA THR A 12 1.53 4.17 5.60
C THR A 12 2.95 3.85 5.13
N PRO A 13 3.96 4.27 5.91
CA PRO A 13 5.36 4.05 5.58
C PRO A 13 5.69 2.57 5.43
N GLY A 14 6.36 2.25 4.34
CA GLY A 14 6.72 0.87 4.08
C GLY A 14 5.71 0.18 3.20
N CYS A 15 4.53 0.77 3.06
CA CYS A 15 3.50 0.17 2.23
C CYS A 15 3.61 0.65 0.79
N THR A 16 4.05 -0.26 -0.07
CA THR A 16 4.17 0.04 -1.47
C THR A 16 2.83 -0.14 -2.15
N CYS A 17 2.53 0.66 -3.15
CA CYS A 17 1.27 0.56 -3.85
C CYS A 17 1.19 -0.77 -4.60
N SER A 18 0.17 -1.55 -4.27
CA SER A 18 -0.04 -2.83 -4.92
C SER A 18 -1.43 -2.83 -5.54
N LYS A 19 -1.90 -3.99 -6.02
CA LYS A 19 -3.23 -4.10 -6.65
C LYS A 19 -4.34 -3.46 -5.82
N ASN A 20 -4.51 -2.16 -5.99
CA ASN A 20 -5.51 -1.36 -5.29
C ASN A 20 -5.36 -1.47 -3.78
N LYS A 21 -4.15 -1.84 -3.32
CA LYS A 21 -3.89 -2.00 -1.89
C LYS A 21 -2.44 -1.72 -1.54
N CYS A 22 -2.20 -1.12 -0.38
CA CYS A 22 -0.85 -0.85 0.06
C CYS A 22 -0.33 -2.05 0.86
N THR A 23 0.88 -2.49 0.57
CA THR A 23 1.45 -3.64 1.25
C THR A 23 2.84 -3.33 1.80
N ARG A 24 3.14 -3.85 2.99
CA ARG A 24 4.45 -3.65 3.59
C ARG A 24 5.37 -4.76 3.13
N ASN A 25 6.16 -4.46 2.10
CA ASN A 25 7.07 -5.44 1.51
C ASN A 25 6.30 -6.66 1.03
N GLY A 26 5.08 -6.43 0.54
CA GLY A 26 4.27 -7.51 0.05
C GLY A 26 3.16 -7.90 1.01
N LEU A 27 3.30 -7.55 2.29
CA LEU A 27 2.29 -7.88 3.29
C LEU A 27 1.13 -6.89 3.26
N PRO A 28 -0.06 -7.34 2.83
CA PRO A 28 -1.26 -6.49 2.73
C PRO A 28 -1.95 -6.26 4.07
N VAL A 29 -1.20 -5.72 5.01
CA VAL A 29 -1.72 -5.45 6.34
C VAL A 29 -1.97 -3.96 6.53
#